data_3O5V
#
_entry.id   3O5V
#
_cell.length_a   79.439
_cell.length_b   79.439
_cell.length_c   88.823
_cell.angle_alpha   90.000
_cell.angle_beta   90.000
_cell.angle_gamma   120.000
#
_symmetry.space_group_name_H-M   'P 32 2 1'
#
loop_
_entity.id
_entity.type
_entity.pdbx_description
1 polymer 'X-PRO dipeptidase'
2 non-polymer GLYCEROL
3 non-polymer 'CHLORIDE ION'
4 water water
#
_entity_poly.entity_id   1
_entity_poly.type   'polypeptide(L)'
_entity_poly.pdbx_seq_one_letter_code
;SNAKLDQIRLYLDQKGAELAIFSDPVTINYLTGFFCDPHERQLFLFVYHDLAPVLFVPALEVARASQAISFPVFGYVDSE
NPWEKIKAVLPNTAAKTIYAEFDHLNVNKFHGLQTIFSGQFNNLTPYVQG(MSE)R
;
_entity_poly.pdbx_strand_id   A,B
#
# COMPACT_ATOMS: atom_id res chain seq x y z
N SER A 1 12.03 -6.60 7.61
CA SER A 1 10.54 -6.64 7.74
C SER A 1 9.89 -5.36 7.20
N ASN A 2 8.62 -5.50 6.79
CA ASN A 2 7.81 -4.37 6.36
C ASN A 2 7.49 -3.49 7.59
N ALA A 3 7.93 -2.23 7.55
CA ALA A 3 7.72 -1.29 8.66
C ALA A 3 6.23 -1.16 9.10
N LYS A 4 5.34 -1.04 8.14
CA LYS A 4 3.92 -0.90 8.46
C LYS A 4 3.35 -2.20 9.06
N LEU A 5 3.81 -3.35 8.58
CA LEU A 5 3.37 -4.60 9.19
C LEU A 5 3.95 -4.81 10.58
N ASP A 6 5.13 -4.24 10.85
CA ASP A 6 5.69 -4.23 12.22
C ASP A 6 4.72 -3.49 13.18
N GLN A 7 4.09 -2.43 12.69
CA GLN A 7 3.13 -1.66 13.49
C GLN A 7 1.86 -2.48 13.76
N ILE A 8 1.40 -3.23 12.76
CA ILE A 8 0.22 -4.10 12.93
C ILE A 8 0.51 -5.19 13.95
N ARG A 9 1.69 -5.82 13.84
CA ARG A 9 2.07 -6.85 14.78
C ARG A 9 2.16 -6.32 16.22
N LEU A 10 2.64 -5.09 16.41
CA LEU A 10 2.65 -4.48 17.74
CA LEU A 10 2.64 -4.48 17.74
C LEU A 10 1.21 -4.32 18.26
N TYR A 11 0.35 -3.80 17.38
CA TYR A 11 -1.07 -3.60 17.72
C TYR A 11 -1.74 -4.88 18.20
N LEU A 12 -1.57 -5.96 17.42
CA LEU A 12 -2.07 -7.28 17.79
C LEU A 12 -1.55 -7.72 19.16
N ASP A 13 -0.26 -7.53 19.41
CA ASP A 13 0.33 -7.89 20.71
C ASP A 13 -0.26 -7.08 21.85
N GLN A 14 -0.43 -5.78 21.63
CA GLN A 14 -1.10 -4.89 22.59
C GLN A 14 -2.57 -5.27 22.87
N LYS A 15 -3.25 -5.85 21.87
CA LYS A 15 -4.65 -6.29 22.01
C LYS A 15 -4.77 -7.76 22.41
N GLY A 16 -3.64 -8.42 22.59
CA GLY A 16 -3.60 -9.85 22.87
C GLY A 16 -4.30 -10.68 21.80
N ALA A 17 -4.13 -10.28 20.54
CA ALA A 17 -4.68 -11.02 19.41
C ALA A 17 -3.55 -11.66 18.62
N GLU A 18 -3.84 -12.68 17.84
CA GLU A 18 -2.78 -13.42 17.15
C GLU A 18 -2.78 -13.20 15.62
N LEU A 19 -3.81 -12.56 15.09
CA LEU A 19 -4.01 -12.52 13.62
C LEU A 19 -4.85 -11.33 13.19
N ALA A 20 -4.38 -10.62 12.16
CA ALA A 20 -5.21 -9.62 11.47
C ALA A 20 -5.44 -10.11 10.05
N ILE A 21 -6.68 -10.00 9.57
CA ILE A 21 -7.01 -10.41 8.20
C ILE A 21 -7.49 -9.20 7.42
N PHE A 22 -6.69 -8.74 6.48
CA PHE A 22 -7.12 -7.60 5.66
C PHE A 22 -7.80 -8.08 4.38
N SER A 23 -8.85 -7.40 3.95
CA SER A 23 -9.59 -7.79 2.73
C SER A 23 -9.76 -6.65 1.72
N ASP A 24 -9.67 -5.40 2.19
CA ASP A 24 -9.98 -4.25 1.35
C ASP A 24 -8.76 -4.02 0.46
N PRO A 25 -8.94 -4.06 -0.88
CA PRO A 25 -7.80 -3.80 -1.78
C PRO A 25 -7.05 -2.49 -1.46
N VAL A 26 -7.78 -1.48 -0.99
CA VAL A 26 -7.13 -0.18 -0.70
C VAL A 26 -6.21 -0.27 0.51
N THR A 27 -6.67 -0.95 1.57
CA THR A 27 -5.84 -1.20 2.76
C THR A 27 -4.65 -2.09 2.40
N ILE A 28 -4.86 -3.11 1.58
CA ILE A 28 -3.77 -4.01 1.21
C ILE A 28 -2.68 -3.24 0.43
N ASN A 29 -3.09 -2.35 -0.46
CA ASN A 29 -2.11 -1.53 -1.20
C ASN A 29 -1.40 -0.54 -0.25
N TYR A 30 -2.15 0.01 0.69
CA TYR A 30 -1.55 0.88 1.71
C TYR A 30 -0.43 0.15 2.45
N LEU A 31 -0.68 -1.11 2.81
CA LEU A 31 0.26 -1.91 3.58
C LEU A 31 1.41 -2.50 2.78
N THR A 32 1.16 -2.86 1.51
CA THR A 32 2.14 -3.67 0.76
C THR A 32 2.60 -3.08 -0.58
N GLY A 33 1.87 -2.11 -1.10
CA GLY A 33 2.16 -1.52 -2.41
C GLY A 33 1.69 -2.36 -3.59
N PHE A 34 0.97 -3.44 -3.32
CA PHE A 34 0.30 -4.24 -4.36
C PHE A 34 -1.18 -3.87 -4.44
N PHE A 35 -1.65 -3.46 -5.61
CA PHE A 35 -3.07 -3.15 -5.76
C PHE A 35 -3.77 -4.18 -6.64
N CYS A 36 -4.90 -4.70 -6.16
CA CYS A 36 -5.64 -5.76 -6.83
C CYS A 36 -7.10 -5.35 -7.00
N ASP A 37 -7.71 -5.64 -8.15
CA ASP A 37 -9.18 -5.69 -8.21
C ASP A 37 -9.52 -7.17 -8.41
N PRO A 38 -9.99 -7.83 -7.34
CA PRO A 38 -10.20 -9.27 -7.38
C PRO A 38 -11.52 -9.68 -8.06
N HIS A 39 -12.35 -8.69 -8.38
CA HIS A 39 -13.66 -8.92 -8.99
C HIS A 39 -14.51 -9.76 -8.02
N GLU A 40 -14.93 -10.95 -8.45
CA GLU A 40 -15.72 -11.84 -7.58
C GLU A 40 -14.82 -12.81 -6.79
N ARG A 41 -13.53 -12.83 -7.12
CA ARG A 41 -12.60 -13.79 -6.52
C ARG A 41 -12.11 -13.33 -5.14
N GLN A 42 -11.45 -14.24 -4.41
CA GLN A 42 -10.99 -13.93 -3.06
C GLN A 42 -9.63 -13.25 -3.02
N LEU A 43 -9.47 -12.32 -2.07
CA LEU A 43 -8.21 -11.62 -1.79
C LEU A 43 -8.13 -11.43 -0.28
N PHE A 44 -7.04 -11.91 0.35
CA PHE A 44 -6.81 -11.69 1.79
C PHE A 44 -5.33 -11.49 2.09
N LEU A 45 -5.05 -10.58 3.01
CA LEU A 45 -3.72 -10.49 3.61
C LEU A 45 -3.76 -10.94 5.07
N PHE A 46 -3.04 -12.01 5.37
CA PHE A 46 -3.01 -12.60 6.72
C PHE A 46 -1.77 -12.11 7.45
N VAL A 47 -1.97 -11.27 8.46
CA VAL A 47 -0.84 -10.77 9.26
C VAL A 47 -0.86 -11.40 10.66
N TYR A 48 -0.07 -12.46 10.81
CA TYR A 48 0.12 -13.13 12.10
C TYR A 48 0.90 -12.23 13.04
N HIS A 49 0.62 -12.30 14.35
CA HIS A 49 1.37 -11.46 15.30
C HIS A 49 2.85 -11.87 15.35
N ASP A 50 3.16 -13.12 14.98
CA ASP A 50 4.52 -13.65 15.11
C ASP A 50 5.12 -14.21 13.82
N LEU A 51 4.33 -14.94 13.05
CA LEU A 51 4.79 -15.60 11.82
C LEU A 51 4.93 -14.64 10.63
N ALA A 52 5.51 -15.11 9.53
CA ALA A 52 5.55 -14.30 8.30
C ALA A 52 4.12 -13.98 7.87
N PRO A 53 3.90 -12.79 7.31
CA PRO A 53 2.57 -12.55 6.75
C PRO A 53 2.37 -13.35 5.46
N VAL A 54 1.13 -13.55 5.07
CA VAL A 54 0.80 -14.34 3.88
C VAL A 54 -0.22 -13.62 3.02
N LEU A 55 0.10 -13.39 1.76
CA LEU A 55 -0.87 -12.84 0.82
C LEU A 55 -1.55 -13.98 0.06
N PHE A 56 -2.88 -13.96 0.05
CA PHE A 56 -3.69 -14.94 -0.67
C PHE A 56 -4.45 -14.26 -1.81
N VAL A 57 -4.24 -14.72 -3.04
CA VAL A 57 -4.79 -14.06 -4.24
C VAL A 57 -5.33 -15.08 -5.27
N PRO A 58 -6.15 -14.62 -6.24
CA PRO A 58 -6.39 -15.48 -7.40
C PRO A 58 -5.08 -15.83 -8.10
N ALA A 59 -4.99 -17.05 -8.65
CA ALA A 59 -3.79 -17.50 -9.35
C ALA A 59 -3.34 -16.48 -10.39
N LEU A 60 -4.30 -15.85 -11.07
CA LEU A 60 -3.96 -14.89 -12.12
C LEU A 60 -3.18 -13.67 -11.60
N GLU A 61 -3.25 -13.43 -10.30
CA GLU A 61 -2.53 -12.29 -9.66
C GLU A 61 -1.14 -12.61 -9.07
N VAL A 62 -0.80 -13.90 -8.98
CA VAL A 62 0.44 -14.32 -8.28
C VAL A 62 1.69 -13.64 -8.83
N ALA A 63 1.84 -13.67 -10.14
CA ALA A 63 3.04 -13.11 -10.80
C ALA A 63 3.21 -11.62 -10.50
N ARG A 64 2.15 -10.84 -10.68
CA ARG A 64 2.19 -9.41 -10.38
C ARG A 64 2.45 -9.12 -8.89
N ALA A 65 1.74 -9.82 -8.00
CA ALA A 65 1.93 -9.65 -6.56
C ALA A 65 3.40 -9.90 -6.16
N SER A 66 3.96 -10.98 -6.71
CA SER A 66 5.33 -11.43 -6.40
C SER A 66 6.43 -10.43 -6.79
N GLN A 67 6.13 -9.55 -7.74
CA GLN A 67 7.05 -8.51 -8.17
CA GLN A 67 7.07 -8.52 -8.17
C GLN A 67 7.26 -7.43 -7.10
N ALA A 68 6.23 -7.21 -6.28
CA ALA A 68 6.25 -6.19 -5.24
C ALA A 68 6.40 -6.75 -3.82
N ILE A 69 6.01 -8.00 -3.64
CA ILE A 69 5.91 -8.64 -2.31
CA ILE A 69 5.96 -8.61 -2.31
C ILE A 69 6.98 -9.73 -2.18
N SER A 70 7.79 -9.68 -1.12
CA SER A 70 8.83 -10.68 -0.87
CA SER A 70 8.82 -10.70 -0.89
C SER A 70 8.42 -11.77 0.13
N PHE A 71 7.38 -11.50 0.91
CA PHE A 71 6.84 -12.53 1.82
C PHE A 71 5.92 -13.52 1.08
N PRO A 72 5.49 -14.61 1.75
CA PRO A 72 4.75 -15.66 1.01
C PRO A 72 3.48 -15.18 0.30
N VAL A 73 3.35 -15.58 -0.97
CA VAL A 73 2.17 -15.32 -1.78
C VAL A 73 1.67 -16.66 -2.28
N PHE A 74 0.38 -16.94 -2.07
CA PHE A 74 -0.24 -18.15 -2.60
C PHE A 74 -1.43 -17.80 -3.47
N GLY A 75 -1.58 -18.52 -4.57
CA GLY A 75 -2.76 -18.40 -5.42
C GLY A 75 -3.67 -19.61 -5.36
N TYR A 76 -4.88 -19.42 -5.88
CA TYR A 76 -5.83 -20.50 -6.11
C TYR A 76 -6.40 -20.37 -7.51
N VAL A 77 -6.49 -21.50 -8.21
CA VAL A 77 -7.14 -21.54 -9.52
C VAL A 77 -8.66 -21.71 -9.38
N ASP A 78 -9.40 -21.40 -10.42
CA ASP A 78 -10.86 -21.39 -10.38
C ASP A 78 -11.52 -22.76 -10.07
N SER A 79 -10.81 -23.85 -10.35
CA SER A 79 -11.30 -25.20 -10.02
C SER A 79 -11.10 -25.57 -8.53
N GLU A 80 -10.38 -24.73 -7.78
CA GLU A 80 -10.14 -24.93 -6.35
C GLU A 80 -11.13 -24.18 -5.47
N ASN A 81 -11.54 -24.80 -4.37
CA ASN A 81 -12.36 -24.13 -3.39
C ASN A 81 -11.44 -23.19 -2.60
N PRO A 82 -11.70 -21.86 -2.62
CA PRO A 82 -10.70 -20.97 -1.99
C PRO A 82 -10.54 -21.19 -0.48
N TRP A 83 -11.62 -21.57 0.20
CA TRP A 83 -11.59 -21.76 1.65
C TRP A 83 -10.73 -22.96 2.03
N GLU A 84 -10.87 -24.06 1.28
CA GLU A 84 -10.03 -25.24 1.46
C GLU A 84 -8.57 -24.91 1.17
N LYS A 85 -8.34 -24.11 0.14
CA LYS A 85 -6.98 -23.72 -0.21
C LYS A 85 -6.30 -22.90 0.88
N ILE A 86 -7.01 -21.92 1.44
CA ILE A 86 -6.46 -21.13 2.54
C ILE A 86 -6.04 -22.05 3.70
N LYS A 87 -6.94 -22.95 4.08
CA LYS A 87 -6.65 -23.97 5.09
C LYS A 87 -5.39 -24.77 4.73
N ALA A 88 -5.24 -25.12 3.46
CA ALA A 88 -4.11 -25.94 3.01
C ALA A 88 -2.77 -25.20 3.03
N VAL A 89 -2.78 -23.89 2.74
CA VAL A 89 -1.53 -23.13 2.56
C VAL A 89 -1.01 -22.36 3.80
N LEU A 90 -1.91 -22.00 4.70
CA LEU A 90 -1.54 -21.19 5.87
C LEU A 90 -0.81 -22.04 6.92
N PRO A 91 0.14 -21.43 7.66
CA PRO A 91 0.90 -22.20 8.66
C PRO A 91 0.06 -22.59 9.88
N ASN A 92 -0.99 -21.83 10.15
CA ASN A 92 -1.71 -21.92 11.41
C ASN A 92 -3.10 -21.30 11.29
N THR A 93 -4.12 -21.97 11.81
CA THR A 93 -5.48 -21.40 11.85
C THR A 93 -6.06 -21.38 13.27
N ALA A 94 -5.17 -21.44 14.27
CA ALA A 94 -5.57 -21.63 15.67
C ALA A 94 -5.72 -20.35 16.50
N ALA A 95 -5.59 -19.17 15.88
CA ALA A 95 -5.75 -17.90 16.59
C ALA A 95 -7.04 -17.85 17.42
N LYS A 96 -6.92 -17.42 18.67
CA LYS A 96 -8.07 -17.30 19.56
C LYS A 96 -8.80 -15.98 19.35
N THR A 97 -8.04 -14.95 18.97
CA THR A 97 -8.59 -13.63 18.76
C THR A 97 -8.08 -13.14 17.41
N ILE A 98 -9.04 -12.76 16.54
CA ILE A 98 -8.75 -12.32 15.18
C ILE A 98 -9.31 -10.92 14.94
N TYR A 99 -8.53 -10.09 14.25
CA TYR A 99 -9.03 -8.81 13.78
C TYR A 99 -9.31 -8.83 12.27
N ALA A 100 -10.44 -8.25 11.84
CA ALA A 100 -10.75 -8.14 10.41
C ALA A 100 -11.47 -6.81 10.10
N GLU A 101 -11.51 -6.44 8.83
CA GLU A 101 -12.05 -5.13 8.42
C GLU A 101 -13.55 -5.23 8.20
N PHE A 102 -14.31 -4.97 9.26
CA PHE A 102 -15.78 -5.13 9.22
C PHE A 102 -16.46 -4.15 8.25
N ASP A 103 -15.81 -3.03 7.93
CA ASP A 103 -16.35 -2.09 6.92
C ASP A 103 -16.20 -2.52 5.46
N HIS A 104 -15.42 -3.57 5.21
CA HIS A 104 -15.22 -4.03 3.85
C HIS A 104 -15.67 -5.48 3.64
N LEU A 105 -15.34 -6.33 4.60
CA LEU A 105 -15.63 -7.75 4.51
C LEU A 105 -17.14 -7.99 4.42
N ASN A 106 -17.60 -8.65 3.36
CA ASN A 106 -19.03 -8.97 3.27
C ASN A 106 -19.38 -10.19 4.14
N VAL A 107 -20.67 -10.41 4.37
CA VAL A 107 -21.09 -11.49 5.28
C VAL A 107 -20.70 -12.88 4.77
N ASN A 108 -20.79 -13.10 3.45
CA ASN A 108 -20.38 -14.39 2.88
C ASN A 108 -18.89 -14.69 3.12
N LYS A 109 -18.03 -13.69 2.92
CA LYS A 109 -16.59 -13.84 3.18
C LYS A 109 -16.31 -14.09 4.67
N PHE A 110 -17.01 -13.35 5.53
CA PHE A 110 -16.93 -13.51 6.99
C PHE A 110 -17.28 -14.92 7.42
N HIS A 111 -18.39 -15.44 6.90
CA HIS A 111 -18.77 -16.83 7.16
C HIS A 111 -17.78 -17.85 6.57
N GLY A 112 -17.29 -17.58 5.36
CA GLY A 112 -16.20 -18.38 4.77
C GLY A 112 -15.00 -18.49 5.70
N LEU A 113 -14.56 -17.35 6.23
CA LEU A 113 -13.38 -17.35 7.09
C LEU A 113 -13.63 -18.11 8.39
N GLN A 114 -14.87 -18.05 8.86
CA GLN A 114 -15.30 -18.79 10.07
C GLN A 114 -15.39 -20.31 9.89
N THR A 115 -15.38 -20.79 8.64
CA THR A 115 -15.26 -22.22 8.41
C THR A 115 -13.81 -22.69 8.58
N ILE A 116 -12.88 -21.73 8.63
CA ILE A 116 -11.43 -22.00 8.78
C ILE A 116 -10.95 -21.63 10.17
N PHE A 117 -11.37 -20.47 10.67
CA PHE A 117 -10.93 -19.96 11.95
C PHE A 117 -12.07 -20.02 12.94
N SER A 118 -11.84 -20.70 14.06
CA SER A 118 -12.88 -20.84 15.05
C SER A 118 -12.77 -19.75 16.13
N GLY A 119 -11.74 -18.92 16.03
CA GLY A 119 -11.53 -17.84 16.99
C GLY A 119 -12.55 -16.70 16.98
N GLN A 120 -12.41 -15.79 17.93
CA GLN A 120 -13.26 -14.62 18.04
C GLN A 120 -12.81 -13.51 17.11
N PHE A 121 -13.73 -12.97 16.30
CA PHE A 121 -13.43 -11.88 15.38
C PHE A 121 -13.76 -10.52 15.97
N ASN A 122 -12.81 -9.59 15.80
CA ASN A 122 -12.93 -8.20 16.26
CA ASN A 122 -12.94 -8.21 16.25
C ASN A 122 -12.72 -7.24 15.10
N ASN A 123 -13.25 -6.02 15.22
CA ASN A 123 -13.18 -5.01 14.16
C ASN A 123 -11.84 -4.27 14.07
N LEU A 124 -11.21 -4.34 12.89
CA LEU A 124 -9.94 -3.68 12.59
C LEU A 124 -10.08 -2.24 12.09
N THR A 125 -11.30 -1.83 11.75
CA THR A 125 -11.45 -0.56 11.06
C THR A 125 -11.01 0.67 11.89
N PRO A 126 -11.18 0.64 13.25
CA PRO A 126 -10.59 1.71 14.06
C PRO A 126 -9.06 1.82 13.87
N TYR A 127 -8.36 0.69 13.85
CA TYR A 127 -6.92 0.75 13.59
C TYR A 127 -6.63 1.31 12.20
N VAL A 128 -7.32 0.79 11.18
CA VAL A 128 -7.14 1.22 9.80
C VAL A 128 -7.38 2.72 9.63
N GLN A 129 -8.52 3.21 10.10
CA GLN A 129 -8.84 4.63 10.03
C GLN A 129 -7.77 5.53 10.71
N GLY A 130 -7.12 5.02 11.76
CA GLY A 130 -6.12 5.78 12.51
C GLY A 130 -4.67 5.77 12.03
N ASN B 2 9.09 12.63 11.18
CA ASN B 2 10.03 13.16 10.15
C ASN B 2 10.02 14.68 10.11
N ALA B 3 11.10 15.29 10.59
CA ALA B 3 11.23 16.75 10.68
C ALA B 3 11.19 17.45 9.31
N LYS B 4 11.83 16.84 8.32
CA LYS B 4 11.90 17.40 6.97
C LYS B 4 10.54 17.44 6.26
N LEU B 5 9.77 16.36 6.35
CA LEU B 5 8.43 16.32 5.77
C LEU B 5 7.44 17.26 6.48
N ASP B 6 7.63 17.47 7.79
CA ASP B 6 6.87 18.48 8.54
C ASP B 6 7.11 19.87 7.98
N GLN B 7 8.38 20.21 7.71
CA GLN B 7 8.75 21.52 7.20
C GLN B 7 8.15 21.80 5.83
N ILE B 8 8.05 20.76 4.99
CA ILE B 8 7.46 20.90 3.67
C ILE B 8 5.95 21.17 3.81
N ARG B 9 5.30 20.44 4.72
CA ARG B 9 3.88 20.67 5.02
C ARG B 9 3.63 22.10 5.53
N LEU B 10 4.53 22.59 6.38
CA LEU B 10 4.45 23.96 6.90
C LEU B 10 4.59 24.94 5.74
N TYR B 11 5.55 24.69 4.87
CA TYR B 11 5.75 25.47 3.64
C TYR B 11 4.46 25.51 2.81
N LEU B 12 3.84 24.34 2.60
CA LEU B 12 2.59 24.23 1.83
C LEU B 12 1.39 24.98 2.44
N ASP B 13 1.23 24.88 3.77
CA ASP B 13 0.14 25.56 4.48
C ASP B 13 0.31 27.08 4.48
N GLN B 14 1.57 27.53 4.57
CA GLN B 14 1.89 28.95 4.54
C GLN B 14 1.77 29.57 3.15
N LYS B 15 1.87 28.72 2.12
CA LYS B 15 1.77 29.18 0.73
C LYS B 15 0.40 28.89 0.14
N GLY B 16 -0.53 28.38 0.95
CA GLY B 16 -1.91 28.11 0.53
C GLY B 16 -2.04 26.98 -0.49
N ALA B 17 -1.08 26.06 -0.46
CA ALA B 17 -0.96 24.99 -1.45
C ALA B 17 -1.19 23.62 -0.82
N GLU B 18 -1.63 22.67 -1.62
CA GLU B 18 -2.08 21.37 -1.13
C GLU B 18 -1.09 20.20 -1.36
N LEU B 19 -0.13 20.37 -2.27
CA LEU B 19 0.75 19.27 -2.70
C LEU B 19 2.14 19.75 -3.13
N ALA B 20 3.17 19.01 -2.74
CA ALA B 20 4.48 19.11 -3.37
C ALA B 20 4.80 17.76 -4.00
N ILE B 21 5.25 17.78 -5.26
CA ILE B 21 5.66 16.56 -5.94
C ILE B 21 7.18 16.60 -6.18
N PHE B 22 7.89 15.64 -5.59
CA PHE B 22 9.34 15.53 -5.76
C PHE B 22 9.66 14.41 -6.78
N SER B 23 10.64 14.67 -7.64
CA SER B 23 11.03 13.70 -8.69
C SER B 23 12.52 13.34 -8.65
N ASP B 24 13.34 14.18 -8.03
CA ASP B 24 14.80 13.98 -8.02
C ASP B 24 15.14 12.88 -7.02
N PRO B 25 15.77 11.76 -7.48
CA PRO B 25 16.16 10.69 -6.54
C PRO B 25 16.99 11.21 -5.35
N VAL B 26 17.83 12.21 -5.61
CA VAL B 26 18.72 12.79 -4.59
C VAL B 26 17.91 13.54 -3.54
N THR B 27 16.91 14.31 -3.98
CA THR B 27 16.00 14.97 -3.03
C THR B 27 15.19 13.94 -2.25
N ILE B 28 14.69 12.92 -2.94
CA ILE B 28 13.87 11.91 -2.25
C ILE B 28 14.70 11.16 -1.18
N ASN B 29 15.94 10.83 -1.52
CA ASN B 29 16.83 10.20 -0.54
C ASN B 29 17.05 11.10 0.69
N TYR B 30 17.23 12.39 0.44
CA TYR B 30 17.41 13.36 1.52
C TYR B 30 16.18 13.47 2.44
N LEU B 31 14.99 13.45 1.84
CA LEU B 31 13.76 13.63 2.59
C LEU B 31 13.32 12.35 3.31
N THR B 32 13.61 11.19 2.74
CA THR B 32 13.00 9.96 3.20
C THR B 32 13.99 8.88 3.64
N GLY B 33 15.24 9.01 3.23
CA GLY B 33 16.24 7.97 3.47
C GLY B 33 16.25 6.84 2.45
N PHE B 34 15.36 6.90 1.48
CA PHE B 34 15.28 5.86 0.46
C PHE B 34 15.93 6.34 -0.84
N PHE B 35 16.97 5.62 -1.26
CA PHE B 35 17.58 5.91 -2.56
C PHE B 35 17.13 4.96 -3.65
N CYS B 36 16.75 5.55 -4.78
CA CYS B 36 16.32 4.79 -5.92
C CYS B 36 16.85 5.45 -7.18
N ASP B 37 17.50 4.68 -8.03
CA ASP B 37 17.76 5.13 -9.39
C ASP B 37 16.71 4.46 -10.27
N PRO B 38 15.74 5.24 -10.77
CA PRO B 38 14.62 4.61 -11.49
C PRO B 38 14.95 4.28 -12.96
N HIS B 39 16.08 4.80 -13.45
CA HIS B 39 16.45 4.68 -14.88
C HIS B 39 15.32 5.27 -15.72
N GLU B 40 14.71 4.49 -16.61
CA GLU B 40 13.60 5.02 -17.43
C GLU B 40 12.20 4.87 -16.80
N ARG B 41 12.14 4.23 -15.63
CA ARG B 41 10.85 4.03 -14.94
C ARG B 41 10.48 5.28 -14.14
N GLN B 42 9.25 5.34 -13.63
CA GLN B 42 8.76 6.51 -12.88
C GLN B 42 9.06 6.41 -11.38
N LEU B 43 9.35 7.56 -10.78
CA LEU B 43 9.58 7.69 -9.34
C LEU B 43 9.04 9.05 -8.90
N PHE B 44 8.11 9.07 -7.94
CA PHE B 44 7.61 10.34 -7.36
C PHE B 44 7.39 10.21 -5.85
N LEU B 45 7.63 11.32 -5.15
CA LEU B 45 7.23 11.46 -3.76
C LEU B 45 6.18 12.59 -3.71
N PHE B 46 4.98 12.22 -3.28
CA PHE B 46 3.83 13.13 -3.18
C PHE B 46 3.69 13.53 -1.72
N VAL B 47 4.00 14.78 -1.42
CA VAL B 47 3.86 15.30 -0.05
C VAL B 47 2.61 16.19 0.06
N TYR B 48 1.52 15.61 0.55
CA TYR B 48 0.27 16.35 0.77
C TYR B 48 0.38 17.28 1.98
N HIS B 49 -0.36 18.39 1.98
CA HIS B 49 -0.27 19.33 3.11
C HIS B 49 -0.89 18.75 4.39
N ASP B 50 -1.89 17.89 4.22
CA ASP B 50 -2.76 17.42 5.30
C ASP B 50 -2.81 15.90 5.44
N LEU B 51 -2.35 15.16 4.43
CA LEU B 51 -2.43 13.70 4.40
C LEU B 51 -1.04 13.05 4.50
N ALA B 52 -1.01 11.72 4.64
CA ALA B 52 0.25 10.96 4.69
C ALA B 52 0.96 11.13 3.35
N PRO B 53 2.31 11.26 3.34
CA PRO B 53 2.98 11.30 2.02
C PRO B 53 2.92 9.95 1.32
N VAL B 54 3.16 9.94 0.01
CA VAL B 54 3.06 8.73 -0.79
C VAL B 54 4.30 8.64 -1.66
N LEU B 55 4.99 7.52 -1.60
CA LEU B 55 6.09 7.21 -2.51
C LEU B 55 5.57 6.31 -3.63
N PHE B 56 5.76 6.75 -4.87
CA PHE B 56 5.38 5.96 -6.03
C PHE B 56 6.63 5.46 -6.74
N VAL B 57 6.75 4.14 -6.87
CA VAL B 57 7.99 3.48 -7.34
C VAL B 57 7.69 2.28 -8.27
N PRO B 58 8.69 1.84 -9.09
CA PRO B 58 8.52 0.56 -9.78
C PRO B 58 8.32 -0.58 -8.77
N ALA B 59 7.49 -1.55 -9.12
CA ALA B 59 7.19 -2.67 -8.22
C ALA B 59 8.44 -3.34 -7.65
N LEU B 60 9.50 -3.44 -8.46
CA LEU B 60 10.73 -4.11 -8.03
C LEU B 60 11.42 -3.43 -6.84
N GLU B 61 11.04 -2.18 -6.57
CA GLU B 61 11.61 -1.38 -5.47
C GLU B 61 10.76 -1.41 -4.20
N VAL B 62 9.54 -1.96 -4.31
CA VAL B 62 8.57 -1.83 -3.20
C VAL B 62 9.04 -2.51 -1.91
N ALA B 63 9.53 -3.74 -2.03
CA ALA B 63 9.96 -4.49 -0.84
C ALA B 63 11.07 -3.75 -0.07
N ARG B 64 12.07 -3.24 -0.79
CA ARG B 64 13.15 -2.47 -0.16
C ARG B 64 12.64 -1.19 0.49
N ALA B 65 11.87 -0.40 -0.25
CA ALA B 65 11.33 0.86 0.27
C ALA B 65 10.46 0.58 1.51
N SER B 66 9.74 -0.53 1.50
CA SER B 66 8.80 -0.86 2.58
C SER B 66 9.50 -1.17 3.91
N GLN B 67 10.79 -1.51 3.84
CA GLN B 67 11.53 -1.88 5.04
C GLN B 67 11.63 -0.76 6.05
N ALA B 68 11.83 0.46 5.57
CA ALA B 68 12.00 1.60 6.47
C ALA B 68 10.90 2.67 6.40
N ILE B 69 10.24 2.78 5.24
CA ILE B 69 9.24 3.83 5.03
C ILE B 69 7.93 3.48 5.72
N SER B 70 7.44 4.39 6.54
CA SER B 70 6.25 4.15 7.37
C SER B 70 4.97 4.70 6.74
N PHE B 71 5.10 5.47 5.66
CA PHE B 71 3.94 5.99 4.93
C PHE B 71 3.73 5.14 3.66
N PRO B 72 2.60 5.33 2.93
CA PRO B 72 2.34 4.44 1.78
C PRO B 72 3.41 4.43 0.70
N VAL B 73 3.75 3.23 0.23
CA VAL B 73 4.61 3.02 -0.93
C VAL B 73 3.75 2.25 -1.93
N PHE B 74 3.53 2.84 -3.10
CA PHE B 74 2.71 2.21 -4.12
C PHE B 74 3.58 1.83 -5.31
N GLY B 75 3.45 0.58 -5.75
CA GLY B 75 4.25 0.10 -6.88
C GLY B 75 3.44 0.00 -8.16
N TYR B 76 4.14 -0.08 -9.29
CA TYR B 76 3.53 -0.40 -10.58
C TYR B 76 4.44 -1.33 -11.37
N VAL B 77 3.84 -2.26 -12.12
CA VAL B 77 4.63 -3.13 -12.98
C VAL B 77 4.68 -2.53 -14.41
N ASP B 78 5.66 -2.97 -15.19
CA ASP B 78 5.93 -2.38 -16.52
C ASP B 78 4.75 -2.38 -17.48
N SER B 79 3.96 -3.44 -17.40
CA SER B 79 2.73 -3.59 -18.19
C SER B 79 1.66 -2.56 -17.82
N GLU B 80 1.80 -1.93 -16.66
CA GLU B 80 0.82 -0.93 -16.23
C GLU B 80 1.22 0.47 -16.67
N ASN B 81 0.24 1.23 -17.12
CA ASN B 81 0.42 2.64 -17.41
C ASN B 81 0.60 3.40 -16.10
N PRO B 82 1.76 4.08 -15.91
CA PRO B 82 2.03 4.63 -14.57
C PRO B 82 1.12 5.82 -14.23
N TRP B 83 0.71 6.58 -15.26
CA TRP B 83 -0.10 7.77 -15.03
C TRP B 83 -1.51 7.34 -14.61
N GLU B 84 -2.02 6.30 -15.25
CA GLU B 84 -3.29 5.68 -14.84
C GLU B 84 -3.16 5.05 -13.45
N LYS B 85 -2.06 4.32 -13.22
CA LYS B 85 -1.78 3.76 -11.90
C LYS B 85 -1.79 4.84 -10.83
N ILE B 86 -1.08 5.96 -11.05
CA ILE B 86 -1.05 7.04 -10.08
C ILE B 86 -2.46 7.58 -9.75
N LYS B 87 -3.26 7.79 -10.78
CA LYS B 87 -4.65 8.23 -10.65
C LYS B 87 -5.50 7.21 -9.84
N ALA B 88 -5.25 5.92 -10.07
CA ALA B 88 -5.97 4.85 -9.39
C ALA B 88 -5.60 4.66 -7.91
N VAL B 89 -4.35 4.95 -7.56
CA VAL B 89 -3.89 4.65 -6.20
C VAL B 89 -3.84 5.85 -5.26
N LEU B 90 -3.74 7.06 -5.80
CA LEU B 90 -3.62 8.22 -4.92
C LEU B 90 -4.93 8.49 -4.17
N PRO B 91 -4.84 9.03 -2.94
CA PRO B 91 -6.07 9.28 -2.19
C PRO B 91 -6.83 10.49 -2.74
N ASN B 92 -6.11 11.40 -3.40
CA ASN B 92 -6.66 12.68 -3.83
C ASN B 92 -5.84 13.36 -4.93
N THR B 93 -6.51 13.75 -6.02
CA THR B 93 -5.84 14.42 -7.14
C THR B 93 -6.46 15.78 -7.44
N ALA B 94 -6.99 16.43 -6.41
CA ALA B 94 -7.80 17.64 -6.58
C ALA B 94 -7.11 18.93 -6.17
N ALA B 95 -5.83 18.87 -5.81
CA ALA B 95 -5.08 20.07 -5.36
C ALA B 95 -5.23 21.25 -6.34
N LYS B 96 -5.34 22.45 -5.76
CA LYS B 96 -5.49 23.68 -6.54
C LYS B 96 -4.14 24.29 -6.89
N THR B 97 -3.21 24.27 -5.93
CA THR B 97 -1.85 24.73 -6.13
C THR B 97 -0.86 23.59 -5.84
N ILE B 98 -0.03 23.27 -6.84
CA ILE B 98 0.97 22.20 -6.73
C ILE B 98 2.39 22.74 -6.92
N TYR B 99 3.31 22.27 -6.07
CA TYR B 99 4.72 22.59 -6.20
C TYR B 99 5.54 21.40 -6.67
N ALA B 100 6.49 21.65 -7.56
CA ALA B 100 7.30 20.57 -8.13
C ALA B 100 8.71 21.07 -8.35
N GLU B 101 9.65 20.16 -8.60
CA GLU B 101 11.05 20.53 -8.79
C GLU B 101 11.30 20.74 -10.28
N PHE B 102 11.17 21.98 -10.74
CA PHE B 102 11.26 22.31 -12.17
C PHE B 102 12.69 22.17 -12.73
N ASP B 103 13.68 22.16 -11.84
CA ASP B 103 15.07 21.97 -12.27
C ASP B 103 15.38 20.50 -12.52
N HIS B 104 14.47 19.61 -12.12
CA HIS B 104 14.69 18.18 -12.33
C HIS B 104 13.62 17.54 -13.23
N LEU B 105 12.36 17.86 -12.95
CA LEU B 105 11.23 17.32 -13.69
C LEU B 105 11.33 17.65 -15.18
N ASN B 106 11.35 16.62 -16.02
CA ASN B 106 11.37 16.85 -17.47
C ASN B 106 9.97 17.08 -18.03
N VAL B 107 9.90 17.57 -19.25
CA VAL B 107 8.63 18.01 -19.84
C VAL B 107 7.63 16.85 -20.01
N ASN B 108 8.10 15.67 -20.41
CA ASN B 108 7.24 14.48 -20.55
C ASN B 108 6.59 14.09 -19.23
N LYS B 109 7.38 14.10 -18.15
CA LYS B 109 6.84 13.77 -16.83
C LYS B 109 5.86 14.84 -16.35
N PHE B 110 6.22 16.09 -16.58
CA PHE B 110 5.37 17.25 -16.28
C PHE B 110 3.99 17.11 -16.96
N HIS B 111 4.00 16.86 -18.27
CA HIS B 111 2.76 16.59 -19.02
C HIS B 111 1.99 15.35 -18.51
N GLY B 112 2.73 14.30 -18.15
CA GLY B 112 2.12 13.12 -17.53
C GLY B 112 1.37 13.48 -16.24
N LEU B 113 2.03 14.26 -15.38
CA LEU B 113 1.42 14.68 -14.12
C LEU B 113 0.19 15.56 -14.36
N GLN B 114 0.21 16.34 -15.43
CA GLN B 114 -0.94 17.19 -15.78
C GLN B 114 -2.17 16.42 -16.30
N THR B 115 -1.99 15.18 -16.75
CA THR B 115 -3.15 14.33 -17.10
C THR B 115 -3.87 13.80 -15.85
N ILE B 116 -3.25 14.00 -14.70
CA ILE B 116 -3.79 13.51 -13.41
C ILE B 116 -4.27 14.68 -12.54
N PHE B 117 -3.45 15.72 -12.46
CA PHE B 117 -3.73 16.90 -11.65
C PHE B 117 -4.10 18.07 -12.52
N SER B 118 -5.29 18.65 -12.27
CA SER B 118 -5.77 19.81 -13.02
CA SER B 118 -5.75 19.81 -13.03
C SER B 118 -5.25 21.13 -12.46
N GLY B 119 -4.76 21.10 -11.22
CA GLY B 119 -4.28 22.31 -10.54
C GLY B 119 -3.10 23.02 -11.19
N GLN B 120 -2.70 24.14 -10.60
CA GLN B 120 -1.59 24.93 -11.10
C GLN B 120 -0.25 24.50 -10.49
N PHE B 121 0.74 24.25 -11.35
CA PHE B 121 2.08 23.86 -10.90
C PHE B 121 3.01 25.05 -10.79
N ASN B 122 3.76 25.11 -9.69
CA ASN B 122 4.78 26.14 -9.47
C ASN B 122 6.11 25.51 -9.08
N ASN B 123 7.20 26.23 -9.32
CA ASN B 123 8.53 25.79 -8.94
C ASN B 123 8.75 25.96 -7.44
N LEU B 124 9.38 24.98 -6.81
CA LEU B 124 9.69 25.06 -5.38
C LEU B 124 10.63 26.23 -5.03
#